data_1MU8
#
_entry.id   1MU8
#
_cell.length_a   71.12
_cell.length_b   72.23
_cell.length_c   73.03
_cell.angle_alpha   90
_cell.angle_beta   100.8
_cell.angle_gamma   90
#
_symmetry.space_group_name_H-M   'C 1 2 1'
#
loop_
_entity.id
_entity.type
_entity.pdbx_description
1 polymer THROMBIN
2 polymer THROMBIN
3 polymer 'HIRUDIN IIB'
4 non-polymer 2-(6-CHLORO-3-{[2,2-DIFLUORO-2-(2-PYRIDINYL)ETHYL]AMINO}-2-OXO-1(2H)-PYRAZINYL)-N-[(2-FLUORO-3-METHYL-6-PYRIDINYL)METHYL]ACETAMIDE
5 water water
#
loop_
_entity_poly.entity_id
_entity_poly.type
_entity_poly.pdbx_seq_one_letter_code
_entity_poly.pdbx_strand_id
1 'polypeptide(L)' TFGSGEADCGLRPLFEKKSLEDKTERELLESYIDGR A
2 'polypeptide(L)'
;IVEGSDAEIGMSPWQVMLFRKSPQELLCGASLISDRWVLTAAHCLLYPPWDKNFTENDLLVRIGKHSRTRYERNIEKISM
LEKIYIHPRYNWRENLDRDIALMKLKKPVAFSDYIHPVCLPDRETAASLLQAGYKGRVTGWGNLKETWTANVGKGQPSVL
QVVNLPIVERPVCKDSTRIRITDNMFCAGYKPDEGKRGDACEGDSGGPFVMKSPFNNRWYQMGIVSWGEGCDRDGKYGFY
THVFRLKKWIQKVIDQFGE
;
B
3 'polypeptide(L)' DFEEIPEE(TYS)LQ C
#
# COMPACT_ATOMS: atom_id res chain seq x y z
N ASP A 8 7.07 -10.46 -15.17
CA ASP A 8 8.29 -10.05 -14.41
C ASP A 8 7.96 -9.41 -13.05
N CYS A 9 6.67 -9.31 -12.74
CA CYS A 9 6.23 -8.69 -11.49
C CYS A 9 6.83 -9.30 -10.23
N GLY A 10 6.93 -8.48 -9.19
CA GLY A 10 7.43 -8.95 -7.91
C GLY A 10 8.88 -9.35 -7.77
N LEU A 11 9.70 -9.15 -8.79
CA LEU A 11 11.13 -9.46 -8.69
C LEU A 11 11.85 -8.12 -8.72
N ARG A 12 12.45 -7.73 -7.60
CA ARG A 12 13.13 -6.45 -7.51
C ARG A 12 14.50 -6.39 -8.17
N PRO A 13 14.72 -5.34 -8.99
CA PRO A 13 15.99 -5.16 -9.71
C PRO A 13 17.21 -5.18 -8.80
N LEU A 14 17.12 -4.52 -7.65
CA LEU A 14 18.25 -4.47 -6.73
C LEU A 14 18.33 -5.59 -5.72
N PHE A 15 17.38 -6.51 -5.75
CA PHE A 15 17.42 -7.63 -4.81
C PHE A 15 17.29 -9.00 -5.47
N GLU A 16 16.07 -9.51 -5.64
CA GLU A 16 15.89 -10.82 -6.26
C GLU A 16 16.68 -11.01 -7.56
N LYS A 17 16.68 -10.00 -8.42
CA LYS A 17 17.38 -10.07 -9.69
C LYS A 17 18.89 -10.29 -9.56
N LYS A 18 19.47 -9.87 -8.43
CA LYS A 18 20.90 -10.02 -8.19
C LYS A 18 21.17 -11.00 -7.07
N SER A 19 20.12 -11.68 -6.63
CA SER A 19 20.20 -12.65 -5.56
C SER A 19 20.74 -12.08 -4.25
N LEU A 20 20.28 -10.86 -3.92
CA LEU A 20 20.63 -10.19 -2.68
C LEU A 20 19.34 -10.08 -1.86
N GLU A 21 19.43 -10.22 -0.54
CA GLU A 21 18.25 -10.13 0.31
C GLU A 21 18.24 -8.81 1.06
N ASP A 22 17.04 -8.27 1.35
CA ASP A 22 16.98 -7.03 2.11
C ASP A 22 17.15 -7.46 3.56
N LYS A 23 17.37 -6.51 4.47
CA LYS A 23 17.64 -6.86 5.85
C LYS A 23 16.57 -7.51 6.73
N THR A 24 15.30 -7.52 6.31
CA THR A 24 14.30 -8.15 7.17
C THR A 24 13.37 -9.14 6.47
N GLU A 25 13.63 -9.45 5.20
CA GLU A 25 12.73 -10.39 4.51
C GLU A 25 12.76 -11.79 5.11
N ARG A 26 13.86 -12.14 5.75
CA ARG A 26 14.01 -13.45 6.37
C ARG A 26 12.94 -13.63 7.45
N GLU A 27 12.58 -12.53 8.11
CA GLU A 27 11.57 -12.57 9.17
C GLU A 27 10.24 -13.04 8.57
N LEU A 28 9.97 -12.61 7.35
CA LEU A 28 8.75 -13.00 6.67
C LEU A 28 8.75 -14.50 6.38
N LEU A 29 9.77 -14.96 5.65
CA LEU A 29 9.87 -16.37 5.29
C LEU A 29 9.88 -17.27 6.52
N GLU A 30 10.53 -16.82 7.58
CA GLU A 30 10.60 -17.61 8.80
C GLU A 30 9.23 -17.81 9.45
N SER A 31 8.28 -16.94 9.12
CA SER A 31 6.95 -17.06 9.71
C SER A 31 6.02 -17.96 8.89
N TYR A 32 6.41 -18.29 7.66
CA TYR A 32 5.59 -19.15 6.81
C TYR A 32 5.89 -20.61 7.13
N ILE A 33 5.55 -21.03 8.35
CA ILE A 33 5.80 -22.40 8.79
C ILE A 33 4.71 -23.35 8.34
N ILE B 1 4.08 5.23 9.27
CA ILE B 1 4.40 3.92 9.91
C ILE B 1 4.92 4.15 11.33
N VAL B 2 4.39 3.39 12.27
CA VAL B 2 4.78 3.49 13.68
C VAL B 2 5.67 2.32 14.08
N GLU B 3 6.80 2.62 14.70
CA GLU B 3 7.75 1.60 15.13
C GLU B 3 8.35 0.83 13.97
N GLY B 4 8.55 1.51 12.85
CA GLY B 4 9.13 0.86 11.69
C GLY B 4 10.59 1.28 11.58
N SER B 5 11.17 1.14 10.41
CA SER B 5 12.57 1.52 10.21
C SER B 5 12.72 2.03 8.79
N ASP B 6 13.84 2.69 8.51
CA ASP B 6 14.05 3.21 7.17
C ASP B 6 14.15 2.05 6.18
N ALA B 7 13.55 2.23 5.02
CA ALA B 7 13.59 1.21 3.99
C ALA B 7 14.92 1.35 3.27
N GLU B 8 15.39 0.26 2.66
CA GLU B 8 16.63 0.30 1.89
C GLU B 8 16.25 0.80 0.51
N ILE B 9 17.22 1.36 -0.21
CA ILE B 9 16.96 1.86 -1.55
C ILE B 9 16.49 0.69 -2.41
N GLY B 10 15.48 0.92 -3.23
CA GLY B 10 14.94 -0.12 -4.10
C GLY B 10 14.21 -1.27 -3.42
N MET B 11 13.98 -1.14 -2.13
CA MET B 11 13.29 -2.18 -1.35
C MET B 11 11.81 -2.39 -1.72
N SER B 12 11.13 -1.33 -2.13
CA SER B 12 9.72 -1.38 -2.51
C SER B 12 9.50 -0.56 -3.77
N PRO B 13 10.04 -1.02 -4.90
CA PRO B 13 9.93 -0.34 -6.19
C PRO B 13 8.51 -0.11 -6.70
N TRP B 14 7.54 -0.79 -6.10
CA TRP B 14 6.14 -0.64 -6.49
C TRP B 14 5.45 0.44 -5.66
N GLN B 15 6.13 0.94 -4.63
CA GLN B 15 5.56 1.98 -3.77
C GLN B 15 5.30 3.26 -4.54
N VAL B 16 4.10 3.79 -4.40
CA VAL B 16 3.73 5.01 -5.10
C VAL B 16 3.23 6.06 -4.14
N MET B 17 3.49 7.33 -4.44
CA MET B 17 3.03 8.43 -3.59
C MET B 17 1.92 9.19 -4.30
N LEU B 18 0.80 9.39 -3.62
CA LEU B 18 -0.30 10.17 -4.17
C LEU B 18 -0.03 11.56 -3.66
N PHE B 19 0.22 12.48 -4.60
CA PHE B 19 0.57 13.84 -4.27
C PHE B 19 -0.47 14.86 -4.76
N ARG B 20 -0.91 15.71 -3.85
CA ARG B 20 -1.90 16.74 -4.19
C ARG B 20 -1.16 17.93 -4.81
N LYS B 21 -1.70 18.44 -5.92
CA LYS B 21 -1.08 19.57 -6.61
C LYS B 21 -0.98 20.81 -5.74
N SER B 22 -2.12 21.34 -5.31
CA SER B 22 -2.14 22.54 -4.48
C SER B 22 -3.25 22.51 -3.43
N PRO B 23 -2.88 22.65 -2.15
CA PRO B 23 -1.50 22.82 -1.68
C PRO B 23 -0.70 21.52 -1.85
N GLN B 24 0.56 21.66 -2.26
CA GLN B 24 1.40 20.48 -2.44
C GLN B 24 1.53 19.74 -1.13
N GLU B 25 1.06 18.49 -1.11
CA GLU B 25 1.12 17.69 0.09
C GLU B 25 0.88 16.20 -0.20
N LEU B 26 1.38 15.36 0.71
CA LEU B 26 1.23 13.92 0.60
C LEU B 26 -0.21 13.55 0.96
N LEU B 27 -0.87 12.81 0.08
CA LEU B 27 -2.25 12.40 0.34
C LEU B 27 -2.31 10.96 0.84
N CYS B 28 -1.67 10.05 0.12
CA CYS B 28 -1.69 8.65 0.47
C CYS B 28 -0.62 7.85 -0.23
N GLY B 29 -0.58 6.56 0.10
CA GLY B 29 0.35 5.64 -0.51
C GLY B 29 -0.46 4.97 -1.62
N ALA B 30 0.21 4.18 -2.43
CA ALA B 30 -0.45 3.49 -3.53
C ALA B 30 0.60 2.49 -4.02
N SER B 31 0.24 1.66 -5.00
CA SER B 31 1.17 0.66 -5.51
C SER B 31 1.10 0.55 -7.04
N LEU B 32 2.22 0.15 -7.64
CA LEU B 32 2.28 0.01 -9.09
C LEU B 32 2.06 -1.46 -9.44
N ILE B 33 1.01 -1.75 -10.21
CA ILE B 33 0.72 -3.13 -10.60
C ILE B 33 0.99 -3.42 -12.08
N SER B 34 1.27 -2.38 -12.85
CA SER B 34 1.61 -2.51 -14.27
C SER B 34 2.24 -1.18 -14.70
N ASP B 35 2.65 -1.08 -15.95
CA ASP B 35 3.27 0.15 -16.43
C ASP B 35 2.25 1.28 -16.59
N ARG B 36 0.98 0.94 -16.50
CA ARG B 36 -0.08 1.93 -16.68
C ARG B 36 -1.08 2.04 -15.52
N TRP B 37 -1.08 1.08 -14.60
CA TRP B 37 -2.04 1.09 -13.50
C TRP B 37 -1.50 1.19 -12.08
N VAL B 38 -2.25 1.91 -11.25
CA VAL B 38 -1.88 2.10 -9.85
C VAL B 38 -3.08 1.71 -8.97
N LEU B 39 -2.80 1.04 -7.87
CA LEU B 39 -3.84 0.57 -6.96
C LEU B 39 -3.72 1.33 -5.64
N THR B 40 -4.86 1.77 -5.10
CA THR B 40 -4.86 2.50 -3.84
C THR B 40 -6.21 2.29 -3.13
N ALA B 41 -6.38 2.95 -1.98
CA ALA B 41 -7.63 2.83 -1.24
C ALA B 41 -8.62 3.90 -1.71
N ALA B 42 -9.87 3.51 -1.89
CA ALA B 42 -10.89 4.44 -2.35
C ALA B 42 -11.09 5.64 -1.41
N HIS B 43 -10.90 5.45 -0.11
CA HIS B 43 -11.09 6.55 0.82
C HIS B 43 -10.05 7.65 0.64
N CYS B 44 -9.00 7.36 -0.13
CA CYS B 44 -7.96 8.33 -0.41
C CYS B 44 -8.50 9.37 -1.38
N LEU B 45 -9.46 8.94 -2.19
CA LEU B 45 -10.05 9.81 -3.19
C LEU B 45 -11.45 10.30 -2.86
N LEU B 46 -12.24 9.44 -2.23
CA LEU B 46 -13.61 9.77 -1.91
C LEU B 46 -14.00 9.42 -0.48
N TYR B 47 -14.46 10.43 0.25
CA TYR B 47 -14.90 10.24 1.63
C TYR B 47 -15.74 11.44 2.02
N PRO B 48 -17.03 11.44 1.64
CA PRO B 48 -17.97 12.52 1.94
C PRO B 48 -17.98 13.08 3.36
N PRO B 49 -17.81 12.23 4.38
CA PRO B 49 -17.81 12.74 5.75
C PRO B 49 -16.82 13.88 6.02
N TRP B 50 -15.71 13.88 5.28
CA TRP B 50 -14.70 14.92 5.44
C TRP B 50 -14.61 15.76 4.17
N ASP B 51 -15.70 15.77 3.41
CA ASP B 51 -15.78 16.52 2.16
C ASP B 51 -14.63 16.25 1.21
N LYS B 52 -14.12 15.02 1.24
CA LYS B 52 -13.04 14.64 0.35
C LYS B 52 -13.61 14.02 -0.92
N ASN B 53 -13.26 14.59 -2.07
CA ASN B 53 -13.72 14.09 -3.35
C ASN B 53 -12.78 14.62 -4.44
N PHE B 54 -11.62 13.98 -4.57
CA PHE B 54 -10.63 14.39 -5.56
C PHE B 54 -10.88 13.84 -6.96
N THR B 55 -10.52 14.63 -7.96
CA THR B 55 -10.68 14.22 -9.35
C THR B 55 -9.30 13.98 -9.96
N GLU B 56 -9.27 13.46 -11.19
CA GLU B 56 -8.01 13.17 -11.85
C GLU B 56 -7.05 14.36 -11.95
N ASN B 57 -7.59 15.52 -12.29
CA ASN B 57 -6.77 16.72 -12.43
C ASN B 57 -6.34 17.37 -11.13
N ASP B 58 -6.71 16.79 -10.00
CA ASP B 58 -6.34 17.35 -8.70
C ASP B 58 -5.09 16.71 -8.12
N LEU B 59 -4.71 15.55 -8.64
CA LEU B 59 -3.57 14.82 -8.09
C LEU B 59 -2.48 14.42 -9.08
N LEU B 60 -1.35 14.03 -8.51
CA LEU B 60 -0.21 13.56 -9.26
C LEU B 60 0.30 12.29 -8.59
N VAL B 61 0.86 11.39 -9.39
CA VAL B 61 1.42 10.14 -8.91
C VAL B 61 2.94 10.25 -9.01
N ARG B 62 3.65 9.99 -7.91
CA ARG B 62 5.10 10.05 -7.89
C ARG B 62 5.65 8.65 -7.62
N ILE B 63 6.39 8.12 -8.59
CA ILE B 63 6.93 6.77 -8.54
C ILE B 63 8.47 6.71 -8.45
N GLY B 64 8.97 5.73 -7.69
CA GLY B 64 10.40 5.54 -7.55
C GLY B 64 11.06 6.36 -6.44
N LYS B 65 10.25 6.92 -5.55
CA LYS B 65 10.77 7.76 -4.47
C LYS B 65 11.28 7.01 -3.25
N HIS B 66 12.09 7.71 -2.47
CA HIS B 66 12.65 7.19 -1.23
C HIS B 66 12.46 8.29 -0.19
N SER B 67 12.88 9.51 -0.56
CA SER B 67 12.75 10.67 0.32
C SER B 67 11.31 11.14 0.26
N ARG B 68 10.75 11.51 1.40
CA ARG B 68 9.37 11.98 1.46
C ARG B 68 9.13 13.34 0.79
N THR B 69 9.91 14.34 1.18
CA THR B 69 9.74 15.70 0.67
C THR B 69 10.59 16.19 -0.49
N ARG B 70 11.71 15.53 -0.76
CA ARG B 70 12.59 15.99 -1.84
C ARG B 70 12.23 15.52 -3.24
N TYR B 71 12.53 16.37 -4.23
CA TYR B 71 12.28 16.01 -5.63
C TYR B 71 13.53 15.26 -6.06
N GLU B 72 13.45 13.94 -6.07
CA GLU B 72 14.58 13.09 -6.42
C GLU B 72 14.84 13.03 -7.92
N ARG B 73 15.47 14.10 -8.40
CA ARG B 73 15.83 14.31 -9.80
C ARG B 73 16.56 13.11 -10.40
N ASN B 74 16.17 12.74 -11.61
CA ASN B 74 16.74 11.60 -12.33
C ASN B 74 16.37 10.23 -11.74
N ILE B 75 15.67 10.22 -10.62
CA ILE B 75 15.28 8.97 -9.98
C ILE B 75 13.77 8.74 -10.01
N GLU B 76 13.02 9.64 -9.37
CA GLU B 76 11.58 9.49 -9.34
C GLU B 76 10.94 9.97 -10.65
N LYS B 77 9.75 9.46 -10.92
CA LYS B 77 8.99 9.83 -12.10
C LYS B 77 7.61 10.28 -11.65
N ILE B 78 7.17 11.43 -12.15
CA ILE B 78 5.87 11.96 -11.79
C ILE B 78 4.94 11.74 -12.97
N SER B 79 3.72 11.30 -12.70
CA SER B 79 2.77 11.04 -13.77
C SER B 79 1.38 11.60 -13.48
N MET B 80 0.66 11.91 -14.56
CA MET B 80 -0.69 12.44 -14.45
C MET B 80 -1.68 11.30 -14.60
N LEU B 81 -2.91 11.54 -14.14
CA LEU B 81 -3.96 10.53 -14.20
C LEU B 81 -4.91 10.74 -15.37
N GLU B 82 -5.25 9.65 -16.04
CA GLU B 82 -6.17 9.71 -17.16
C GLU B 82 -7.58 9.43 -16.66
N LYS B 83 -7.68 8.52 -15.69
CA LYS B 83 -8.98 8.17 -15.15
C LYS B 83 -8.87 7.48 -13.79
N ILE B 84 -9.91 7.66 -12.98
CA ILE B 84 -9.97 7.05 -11.66
C ILE B 84 -11.22 6.18 -11.60
N TYR B 85 -11.06 4.97 -11.08
CA TYR B 85 -12.19 4.04 -10.95
C TYR B 85 -12.30 3.58 -9.51
N ILE B 86 -13.44 3.88 -8.90
CA ILE B 86 -13.70 3.49 -7.52
C ILE B 86 -14.70 2.34 -7.54
N HIS B 87 -14.54 1.38 -6.64
CA HIS B 87 -15.46 0.25 -6.60
C HIS B 87 -16.88 0.79 -6.42
N PRO B 88 -17.81 0.36 -7.29
CA PRO B 88 -19.19 0.83 -7.20
C PRO B 88 -19.89 0.52 -5.88
N ARG B 89 -19.37 -0.43 -5.12
CA ARG B 89 -19.99 -0.77 -3.85
C ARG B 89 -19.12 -0.43 -2.64
N TYR B 90 -18.22 0.53 -2.84
CA TYR B 90 -17.36 1.02 -1.77
C TYR B 90 -18.33 1.58 -0.71
N ASN B 91 -18.24 1.11 0.52
CA ASN B 91 -19.15 1.57 1.58
C ASN B 91 -18.51 2.61 2.50
N TRP B 92 -18.55 3.87 2.08
CA TRP B 92 -17.96 4.94 2.90
C TRP B 92 -18.90 5.37 4.03
N ARG B 93 -20.16 4.99 3.92
CA ARG B 93 -21.15 5.36 4.93
C ARG B 93 -21.02 4.59 6.24
N GLU B 94 -20.54 3.35 6.18
CA GLU B 94 -20.44 2.55 7.38
C GLU B 94 -19.09 2.03 7.85
N ASN B 95 -18.46 1.17 7.05
CA ASN B 95 -17.19 0.56 7.48
C ASN B 95 -16.04 0.50 6.46
N LEU B 96 -16.13 1.29 5.39
CA LEU B 96 -15.09 1.30 4.37
C LEU B 96 -14.94 -0.07 3.70
N ASP B 97 -16.04 -0.80 3.59
CA ASP B 97 -16.03 -2.10 2.95
C ASP B 97 -15.71 -1.88 1.46
N ARG B 98 -14.85 -2.71 0.91
CA ARG B 98 -14.45 -2.60 -0.49
C ARG B 98 -13.74 -1.27 -0.72
N ASP B 99 -12.80 -0.96 0.17
CA ASP B 99 -12.01 0.27 0.12
C ASP B 99 -10.93 0.05 -0.94
N ILE B 100 -11.27 0.25 -2.21
CA ILE B 100 -10.33 0.03 -3.29
C ILE B 100 -10.61 0.94 -4.49
N ALA B 101 -9.55 1.32 -5.19
CA ALA B 101 -9.70 2.18 -6.36
C ALA B 101 -8.52 1.96 -7.29
N LEU B 102 -8.77 2.09 -8.59
CA LEU B 102 -7.73 1.93 -9.61
C LEU B 102 -7.53 3.27 -10.29
N MET B 103 -6.30 3.55 -10.68
CA MET B 103 -5.98 4.80 -11.36
C MET B 103 -5.18 4.49 -12.62
N LYS B 104 -5.64 5.00 -13.76
CA LYS B 104 -4.96 4.78 -15.03
C LYS B 104 -4.11 5.99 -15.35
N LEU B 105 -2.81 5.76 -15.52
CA LEU B 105 -1.87 6.83 -15.82
C LEU B 105 -2.04 7.28 -17.28
N LYS B 106 -1.81 8.56 -17.54
CA LYS B 106 -1.94 9.06 -18.90
C LYS B 106 -0.92 8.44 -19.84
N LYS B 107 0.27 8.12 -19.32
CA LYS B 107 1.33 7.51 -20.11
C LYS B 107 2.07 6.45 -19.32
N PRO B 108 2.44 5.34 -19.98
CA PRO B 108 3.17 4.26 -19.31
C PRO B 108 4.44 4.79 -18.66
N VAL B 109 4.79 4.23 -17.51
CA VAL B 109 6.00 4.63 -16.83
C VAL B 109 7.06 3.60 -17.18
N ALA B 110 8.28 4.06 -17.43
CA ALA B 110 9.36 3.14 -17.76
C ALA B 110 9.92 2.59 -16.47
N PHE B 111 10.15 1.28 -16.44
CA PHE B 111 10.69 0.65 -15.25
C PHE B 111 12.18 0.94 -15.13
N SER B 112 12.71 0.77 -13.92
CA SER B 112 14.12 1.02 -13.64
C SER B 112 14.45 0.25 -12.38
N ASP B 113 15.64 0.49 -11.84
CA ASP B 113 16.06 -0.18 -10.61
C ASP B 113 15.19 0.25 -9.42
N TYR B 114 14.49 1.37 -9.56
CA TYR B 114 13.68 1.90 -8.47
C TYR B 114 12.17 1.86 -8.72
N ILE B 115 11.78 1.48 -9.95
CA ILE B 115 10.39 1.41 -10.34
C ILE B 115 10.10 0.04 -10.94
N HIS B 116 9.29 -0.75 -10.25
CA HIS B 116 8.96 -2.09 -10.72
C HIS B 116 7.61 -2.52 -10.12
N PRO B 117 6.73 -3.14 -10.92
CA PRO B 117 5.42 -3.55 -10.39
C PRO B 117 5.43 -4.77 -9.48
N VAL B 118 4.45 -4.81 -8.58
CA VAL B 118 4.28 -5.92 -7.65
C VAL B 118 3.26 -6.86 -8.30
N CYS B 119 3.26 -8.14 -7.92
CA CYS B 119 2.31 -9.10 -8.49
C CYS B 119 0.99 -9.09 -7.72
N LEU B 120 -0.07 -9.51 -8.41
CA LEU B 120 -1.38 -9.63 -7.78
C LEU B 120 -1.53 -11.12 -7.55
N PRO B 121 -2.04 -11.51 -6.37
CA PRO B 121 -2.20 -12.92 -6.05
C PRO B 121 -3.24 -13.68 -6.84
N ASP B 122 -2.98 -14.96 -7.04
CA ASP B 122 -3.89 -15.85 -7.73
C ASP B 122 -4.56 -16.60 -6.58
N ARG B 123 -5.65 -17.31 -6.85
CA ARG B 123 -6.34 -18.05 -5.80
C ARG B 123 -5.42 -18.90 -4.93
N GLU B 124 -4.56 -19.68 -5.58
CA GLU B 124 -3.64 -20.57 -4.87
C GLU B 124 -2.67 -19.84 -3.93
N THR B 125 -2.12 -18.73 -4.42
CA THR B 125 -1.18 -17.96 -3.61
C THR B 125 -1.89 -17.37 -2.39
N ALA B 126 -3.06 -16.78 -2.61
CA ALA B 126 -3.82 -16.19 -1.52
C ALA B 126 -4.14 -17.25 -0.46
N ALA B 127 -4.56 -18.42 -0.92
CA ALA B 127 -4.92 -19.52 -0.02
C ALA B 127 -3.79 -19.93 0.92
N SER B 128 -2.60 -20.14 0.37
CA SER B 128 -1.47 -20.58 1.18
C SER B 128 -0.76 -19.54 2.02
N LEU B 129 -0.78 -18.28 1.60
CA LEU B 129 -0.08 -17.25 2.37
C LEU B 129 -0.93 -16.43 3.34
N LEU B 130 -2.21 -16.28 3.04
CA LEU B 130 -3.07 -15.48 3.92
C LEU B 130 -3.54 -16.30 5.12
N GLN B 131 -2.64 -16.53 6.06
CA GLN B 131 -2.94 -17.30 7.25
C GLN B 131 -2.47 -16.59 8.52
N ALA B 132 -3.28 -16.67 9.56
CA ALA B 132 -2.94 -16.04 10.84
C ALA B 132 -1.55 -16.48 11.25
N GLY B 133 -0.75 -15.54 11.74
CA GLY B 133 0.60 -15.86 12.15
C GLY B 133 1.64 -15.52 11.09
N TYR B 134 1.25 -15.65 9.83
CA TYR B 134 2.14 -15.33 8.70
C TYR B 134 2.34 -13.81 8.61
N LYS B 135 3.58 -13.39 8.40
CA LYS B 135 3.89 -11.96 8.34
C LYS B 135 3.94 -11.34 6.95
N GLY B 136 3.45 -10.10 6.89
CA GLY B 136 3.44 -9.34 5.66
C GLY B 136 4.23 -8.08 5.93
N ARG B 137 4.38 -7.22 4.92
CA ARG B 137 5.16 -6.00 5.06
C ARG B 137 4.38 -4.77 4.63
N VAL B 138 4.43 -3.71 5.44
CA VAL B 138 3.73 -2.49 5.11
C VAL B 138 4.74 -1.35 4.94
N THR B 139 4.52 -0.49 3.96
CA THR B 139 5.43 0.63 3.73
C THR B 139 4.69 1.93 3.48
N GLY B 140 5.31 3.05 3.87
CA GLY B 140 4.67 4.35 3.66
C GLY B 140 5.42 5.53 4.25
N TRP B 141 4.99 6.72 3.89
CA TRP B 141 5.60 7.95 4.39
C TRP B 141 4.71 8.59 5.45
N GLY B 142 3.74 7.83 5.95
CA GLY B 142 2.83 8.34 6.96
C GLY B 142 3.49 8.72 8.27
N ASN B 143 2.70 9.22 9.22
CA ASN B 143 3.22 9.63 10.51
C ASN B 143 3.89 8.51 11.30
N LEU B 144 4.88 8.88 12.09
CA LEU B 144 5.63 7.94 12.91
C LEU B 144 4.96 7.70 14.27
N LYS B 145 3.99 8.55 14.59
CA LYS B 145 3.26 8.46 15.84
C LYS B 145 1.83 8.94 15.65
N GLU B 146 0.94 8.47 16.52
CA GLU B 146 -0.46 8.86 16.43
C GLU B 146 -0.63 10.35 16.77
N GLY B 155 7.50 13.13 14.10
CA GLY B 155 6.19 13.32 13.44
C GLY B 155 6.15 12.71 12.04
N GLN B 156 6.96 13.26 11.15
CA GLN B 156 7.02 12.77 9.77
C GLN B 156 8.42 12.23 9.48
N PRO B 157 8.50 11.06 8.83
CA PRO B 157 9.81 10.47 8.51
C PRO B 157 10.50 11.21 7.38
N SER B 158 11.82 11.03 7.28
CA SER B 158 12.60 11.66 6.23
C SER B 158 12.55 10.80 4.97
N VAL B 159 12.56 9.48 5.16
CA VAL B 159 12.50 8.55 4.04
C VAL B 159 11.43 7.50 4.28
N LEU B 160 11.14 6.72 3.24
CA LEU B 160 10.14 5.66 3.32
C LEU B 160 10.41 4.74 4.50
N GLN B 161 9.35 4.42 5.24
CA GLN B 161 9.45 3.54 6.40
C GLN B 161 8.91 2.15 6.07
N VAL B 162 9.34 1.14 6.82
CA VAL B 162 8.89 -0.22 6.58
C VAL B 162 8.65 -0.95 7.91
N VAL B 163 7.68 -1.86 7.92
CA VAL B 163 7.38 -2.64 9.12
C VAL B 163 6.75 -3.97 8.72
N ASN B 164 7.15 -5.04 9.39
CA ASN B 164 6.62 -6.37 9.12
C ASN B 164 5.62 -6.73 10.21
N LEU B 165 4.41 -7.10 9.81
CA LEU B 165 3.35 -7.42 10.76
C LEU B 165 2.67 -8.76 10.48
N PRO B 166 2.31 -9.49 11.55
CA PRO B 166 1.65 -10.79 11.35
C PRO B 166 0.14 -10.60 11.12
N ILE B 167 -0.44 -11.48 10.32
CA ILE B 167 -1.87 -11.47 10.04
C ILE B 167 -2.52 -12.04 11.32
N VAL B 168 -3.66 -11.49 11.71
CA VAL B 168 -4.35 -11.92 12.93
C VAL B 168 -5.64 -12.69 12.66
N GLU B 169 -5.95 -13.63 13.55
CA GLU B 169 -7.16 -14.45 13.44
C GLU B 169 -8.40 -13.54 13.35
N ARG B 170 -9.34 -13.89 12.47
CA ARG B 170 -10.55 -13.10 12.28
C ARG B 170 -11.35 -12.83 13.56
N PRO B 171 -11.47 -13.83 14.46
CA PRO B 171 -12.23 -13.64 15.70
C PRO B 171 -11.63 -12.51 16.54
N VAL B 172 -10.30 -12.50 16.61
CA VAL B 172 -9.58 -11.48 17.37
C VAL B 172 -9.79 -10.11 16.72
N CYS B 173 -9.77 -10.07 15.38
CA CYS B 173 -9.97 -8.82 14.68
C CYS B 173 -11.36 -8.29 15.05
N LYS B 174 -12.35 -9.17 14.97
CA LYS B 174 -13.73 -8.83 15.28
C LYS B 174 -13.92 -8.32 16.71
N ASP B 175 -13.35 -9.04 17.67
CA ASP B 175 -13.48 -8.66 19.08
C ASP B 175 -12.68 -7.45 19.55
N SER B 176 -11.97 -6.80 18.64
CA SER B 176 -11.17 -5.63 19.02
C SER B 176 -11.84 -4.31 18.66
N THR B 177 -12.96 -4.40 17.96
CA THR B 177 -13.65 -3.19 17.51
C THR B 177 -15.17 -3.28 17.51
N ARG B 178 -15.82 -2.13 17.39
CA ARG B 178 -17.28 -2.01 17.33
C ARG B 178 -17.71 -2.03 15.87
N ILE B 179 -16.76 -1.75 14.98
CA ILE B 179 -17.05 -1.70 13.55
C ILE B 179 -17.38 -3.07 12.98
N ARG B 180 -18.35 -3.13 12.07
CA ARG B 180 -18.72 -4.39 11.45
C ARG B 180 -17.68 -4.79 10.40
N ILE B 181 -16.97 -5.87 10.67
CA ILE B 181 -15.94 -6.38 9.77
C ILE B 181 -16.54 -7.32 8.70
N THR B 182 -16.06 -7.22 7.47
CA THR B 182 -16.57 -8.06 6.38
C THR B 182 -15.50 -9.02 5.85
N ASP B 183 -15.90 -9.87 4.91
CA ASP B 183 -14.96 -10.81 4.32
C ASP B 183 -13.97 -10.09 3.39
N ASN B 184 -14.24 -8.82 3.08
CA ASN B 184 -13.37 -8.06 2.19
C ASN B 184 -12.24 -7.32 2.91
N MET B 185 -11.99 -7.71 4.16
CA MET B 185 -10.92 -7.08 4.92
C MET B 185 -10.31 -8.10 5.85
N PHE B 186 -9.07 -7.85 6.25
CA PHE B 186 -8.40 -8.70 7.22
C PHE B 186 -7.63 -7.72 8.10
N CYS B 187 -7.23 -8.14 9.29
CA CYS B 187 -6.49 -7.21 10.14
C CYS B 187 -5.13 -7.78 10.45
N ALA B 188 -4.19 -6.93 10.83
CA ALA B 188 -2.84 -7.38 11.13
C ALA B 188 -2.19 -6.54 12.23
N GLY B 189 -1.18 -7.12 12.87
CA GLY B 189 -0.48 -6.42 13.93
C GLY B 189 -0.19 -7.37 15.07
N TYR B 190 0.66 -6.92 15.98
CA TYR B 190 1.01 -7.75 17.11
C TYR B 190 -0.03 -7.63 18.23
N LYS B 191 -0.11 -8.67 19.04
CA LYS B 191 -1.02 -8.72 20.18
C LYS B 191 -0.26 -8.03 21.33
N PRO B 192 -0.99 -7.41 22.26
CA PRO B 192 -0.38 -6.72 23.40
C PRO B 192 0.70 -7.47 24.19
N ASP B 193 0.63 -8.80 24.21
CA ASP B 193 1.61 -9.56 24.96
C ASP B 193 2.76 -10.12 24.13
N GLU B 194 2.78 -9.82 22.83
CA GLU B 194 3.84 -10.34 21.97
C GLU B 194 5.14 -9.54 22.01
N GLY B 195 5.14 -8.43 22.74
CA GLY B 195 6.35 -7.64 22.84
C GLY B 195 6.61 -6.62 21.75
N LYS B 196 6.60 -7.07 20.50
CA LYS B 196 6.83 -6.17 19.37
C LYS B 196 5.62 -5.31 19.02
N ARG B 197 5.88 -4.15 18.42
CA ARG B 197 4.82 -3.22 18.04
C ARG B 197 4.92 -2.90 16.55
N GLY B 198 4.14 -1.91 16.11
CA GLY B 198 4.17 -1.53 14.71
C GLY B 198 2.78 -1.41 14.13
N ASP B 199 2.60 -0.45 13.22
CA ASP B 199 1.29 -0.23 12.62
C ASP B 199 1.43 0.84 11.54
N ALA B 200 0.39 0.99 10.73
CA ALA B 200 0.36 2.02 9.71
C ALA B 200 -0.22 3.22 10.45
N CYS B 201 -0.23 4.39 9.82
CA CYS B 201 -0.76 5.57 10.48
C CYS B 201 -1.22 6.55 9.41
N GLU B 202 -1.64 7.75 9.82
CA GLU B 202 -2.11 8.76 8.87
C GLU B 202 -1.08 8.97 7.78
N GLY B 203 -1.51 9.03 6.53
CA GLY B 203 -0.58 9.23 5.43
C GLY B 203 -0.19 7.92 4.75
N ASP B 204 -0.31 6.82 5.49
CA ASP B 204 0.02 5.48 4.98
C ASP B 204 -1.11 4.83 4.18
N SER B 205 -2.33 5.37 4.30
CA SER B 205 -3.50 4.82 3.60
C SER B 205 -3.26 4.61 2.12
N GLY B 206 -3.85 3.54 1.59
CA GLY B 206 -3.72 3.23 0.18
C GLY B 206 -2.45 2.47 -0.14
N GLY B 207 -1.55 2.38 0.84
CA GLY B 207 -0.29 1.69 0.66
C GLY B 207 -0.45 0.19 0.55
N PRO B 208 0.60 -0.52 0.08
CA PRO B 208 0.51 -1.97 -0.06
C PRO B 208 0.95 -2.81 1.13
N PHE B 209 0.24 -3.92 1.34
CA PHE B 209 0.58 -4.89 2.37
C PHE B 209 1.09 -6.04 1.48
N VAL B 210 2.37 -6.35 1.54
CA VAL B 210 2.91 -7.40 0.66
C VAL B 210 3.51 -8.57 1.39
N MET B 211 3.62 -9.68 0.67
CA MET B 211 4.20 -10.90 1.19
C MET B 211 5.06 -11.53 0.11
N LYS B 212 6.11 -12.23 0.50
CA LYS B 212 6.99 -12.85 -0.48
C LYS B 212 6.71 -14.36 -0.55
N SER B 213 6.31 -14.83 -1.72
CA SER B 213 6.00 -16.25 -1.89
C SER B 213 7.24 -17.12 -1.76
N PRO B 214 7.19 -18.13 -0.87
CA PRO B 214 8.36 -19.00 -0.71
C PRO B 214 8.45 -20.00 -1.86
N PHE B 215 7.42 -19.99 -2.70
CA PHE B 215 7.34 -20.91 -3.85
C PHE B 215 8.08 -20.41 -5.09
N ASN B 216 7.89 -19.14 -5.44
CA ASN B 216 8.55 -18.60 -6.62
C ASN B 216 9.35 -17.31 -6.37
N ASN B 217 9.54 -17.00 -5.09
CA ASN B 217 10.29 -15.82 -4.65
C ASN B 217 9.82 -14.45 -5.10
N ARG B 218 8.57 -14.36 -5.55
CA ARG B 218 8.04 -13.09 -5.99
C ARG B 218 7.24 -12.41 -4.88
N TRP B 219 7.12 -11.09 -4.94
CA TRP B 219 6.35 -10.35 -3.95
C TRP B 219 4.94 -10.17 -4.45
N TYR B 220 3.96 -10.41 -3.59
CA TYR B 220 2.56 -10.27 -3.94
C TYR B 220 1.86 -9.26 -3.03
N GLN B 221 0.94 -8.46 -3.57
CA GLN B 221 0.22 -7.51 -2.75
C GLN B 221 -1.06 -8.19 -2.27
N MET B 222 -1.14 -8.49 -0.98
CA MET B 222 -2.31 -9.16 -0.43
C MET B 222 -3.35 -8.17 0.11
N GLY B 223 -2.89 -7.00 0.54
CA GLY B 223 -3.82 -6.01 1.07
C GLY B 223 -3.48 -4.57 0.74
N ILE B 224 -4.41 -3.67 1.08
CA ILE B 224 -4.25 -2.23 0.89
C ILE B 224 -4.51 -1.63 2.27
N VAL B 225 -3.62 -0.74 2.74
CA VAL B 225 -3.80 -0.10 4.04
C VAL B 225 -5.15 0.60 3.98
N SER B 226 -6.07 0.20 4.86
CA SER B 226 -7.41 0.79 4.83
C SER B 226 -7.80 1.65 6.04
N TRP B 227 -7.94 1.03 7.20
CA TRP B 227 -8.32 1.81 8.38
C TRP B 227 -7.88 1.23 9.71
N GLY B 228 -8.03 2.03 10.75
CA GLY B 228 -7.65 1.60 12.08
C GLY B 228 -8.19 2.63 13.06
N GLU B 229 -8.06 2.33 14.35
CA GLU B 229 -8.53 3.23 15.39
C GLU B 229 -7.30 3.65 16.16
N GLY B 230 -6.76 4.80 15.78
CA GLY B 230 -5.55 5.29 16.41
C GLY B 230 -4.41 4.60 15.67
N CYS B 231 -3.21 4.67 16.22
CA CYS B 231 -2.06 4.03 15.59
C CYS B 231 -1.22 3.31 16.63
N ASP B 232 -1.00 2.02 16.39
CA ASP B 232 -0.19 1.20 17.27
C ASP B 232 -0.71 1.18 18.71
N ARG B 233 -2.04 1.17 18.87
CA ARG B 233 -2.64 1.12 20.20
C ARG B 233 -2.69 -0.36 20.61
N ASP B 234 -2.50 -0.64 21.89
CA ASP B 234 -2.56 -2.02 22.35
C ASP B 234 -4.01 -2.50 22.27
N GLY B 235 -4.20 -3.75 21.87
CA GLY B 235 -5.54 -4.29 21.76
C GLY B 235 -6.27 -3.91 20.49
N LYS B 236 -5.62 -3.11 19.65
CA LYS B 236 -6.22 -2.69 18.38
C LYS B 236 -5.35 -3.22 17.23
N TYR B 237 -5.94 -3.28 16.04
CA TYR B 237 -5.21 -3.78 14.88
C TYR B 237 -5.53 -2.98 13.64
N GLY B 238 -4.61 -3.00 12.67
CA GLY B 238 -4.86 -2.28 11.44
C GLY B 238 -5.66 -3.16 10.50
N PHE B 239 -6.54 -2.55 9.73
CA PHE B 239 -7.35 -3.29 8.78
C PHE B 239 -6.95 -3.00 7.35
N TYR B 240 -6.97 -4.05 6.55
CA TYR B 240 -6.57 -3.97 5.16
C TYR B 240 -7.60 -4.53 4.20
N THR B 241 -7.71 -3.90 3.03
CA THR B 241 -8.63 -4.37 2.00
C THR B 241 -8.05 -5.69 1.47
N HIS B 242 -8.91 -6.70 1.37
CA HIS B 242 -8.53 -8.04 0.90
C HIS B 242 -8.46 -7.99 -0.62
N VAL B 243 -7.26 -7.83 -1.15
CA VAL B 243 -7.09 -7.71 -2.59
C VAL B 243 -7.62 -8.86 -3.43
N PHE B 244 -7.29 -10.10 -3.08
CA PHE B 244 -7.79 -11.21 -3.87
C PHE B 244 -9.32 -11.27 -3.95
N ARG B 245 -9.99 -11.07 -2.82
CA ARG B 245 -11.46 -11.09 -2.78
C ARG B 245 -12.07 -10.15 -3.79
N LEU B 246 -11.35 -9.10 -4.17
CA LEU B 246 -11.87 -8.12 -5.12
C LEU B 246 -11.15 -8.14 -6.46
N LYS B 247 -10.40 -9.21 -6.73
CA LYS B 247 -9.67 -9.28 -7.98
C LYS B 247 -10.58 -9.32 -9.20
N LYS B 248 -11.75 -9.93 -9.06
CA LYS B 248 -12.71 -10.02 -10.16
C LYS B 248 -13.02 -8.62 -10.69
N TRP B 249 -13.16 -7.67 -9.76
CA TRP B 249 -13.45 -6.30 -10.14
C TRP B 249 -12.23 -5.67 -10.81
N ILE B 250 -11.06 -5.88 -10.21
CA ILE B 250 -9.81 -5.35 -10.74
C ILE B 250 -9.60 -5.80 -12.18
N GLN B 251 -9.76 -7.10 -12.43
CA GLN B 251 -9.59 -7.65 -13.77
C GLN B 251 -10.58 -7.05 -14.76
N LYS B 252 -11.81 -6.85 -14.31
CA LYS B 252 -12.85 -6.29 -15.16
C LYS B 252 -12.47 -4.91 -15.66
N VAL B 253 -12.11 -4.02 -14.74
CA VAL B 253 -11.72 -2.66 -15.10
C VAL B 253 -10.54 -2.63 -16.06
N ILE B 254 -9.50 -3.39 -15.75
CA ILE B 254 -8.30 -3.42 -16.57
C ILE B 254 -8.53 -3.82 -18.03
N ASP B 255 -9.14 -4.98 -18.26
CA ASP B 255 -9.35 -5.43 -19.64
C ASP B 255 -10.54 -4.77 -20.33
N GLN B 256 -11.26 -3.91 -19.63
CA GLN B 256 -12.40 -3.23 -20.22
C GLN B 256 -12.08 -1.78 -20.57
N PHE B 257 -11.05 -1.21 -19.93
CA PHE B 257 -10.68 0.17 -20.19
C PHE B 257 -9.23 0.37 -20.63
N GLY B 258 -8.60 -0.70 -21.10
CA GLY B 258 -7.22 -0.60 -21.54
C GLY B 258 -6.27 -1.60 -20.91
N ASP C 1 6.34 20.84 4.04
CA ASP C 1 7.75 21.20 3.68
C ASP C 1 8.22 20.44 2.45
N PHE C 2 7.38 20.39 1.43
CA PHE C 2 7.68 19.67 0.19
C PHE C 2 8.47 20.55 -0.74
N GLU C 3 9.45 19.94 -1.40
CA GLU C 3 10.28 20.67 -2.34
C GLU C 3 9.54 20.92 -3.66
N GLU C 4 9.69 22.12 -4.18
CA GLU C 4 9.03 22.50 -5.42
C GLU C 4 9.25 21.47 -6.51
N ILE C 5 8.17 20.92 -7.06
CA ILE C 5 8.32 19.96 -8.14
C ILE C 5 8.25 20.76 -9.43
N PRO C 6 8.86 20.27 -10.52
CA PRO C 6 8.83 20.98 -11.80
C PRO C 6 7.46 21.36 -12.36
N GLU C 7 7.32 22.63 -12.75
CA GLU C 7 6.07 23.17 -13.29
C GLU C 7 5.57 22.37 -14.50
N GLU C 8 6.49 21.69 -15.19
CA GLU C 8 6.18 20.87 -16.35
C GLU C 8 5.18 19.77 -15.99
N LEU C 10 2.99 20.31 -13.14
CA LEU C 10 1.88 21.05 -12.55
C LEU C 10 1.07 21.76 -13.62
N GLN C 11 1.47 21.62 -14.88
CA GLN C 11 0.79 22.30 -15.97
C GLN C 11 -0.47 21.63 -16.49
#